data_3A1L
#
_entry.id   3A1L
#
_cell.length_a   45.374
_cell.length_b   68.224
_cell.length_c   139.119
_cell.angle_alpha   90.000
_cell.angle_beta   90.000
_cell.angle_gamma   90.000
#
_symmetry.space_group_name_H-M   'P 21 21 21'
#
loop_
_entity.id
_entity.type
_entity.pdbx_description
1 polymer 'Cytochrome P450'
2 non-polymer 'PROTOPORPHYRIN IX CONTAINING FE'
3 non-polymer '3,4-bis(7-chloro-1H-indol-3-yl)-1H-pyrrole-2,5-dicarboxylic acid'
4 water water
#
_entity_poly.entity_id   1
_entity_poly.type   'polypeptide(L)'
_entity_poly.pdbx_seq_one_letter_code
;MASATLPRFDLMGWDKKDIADPYPVYRRYREAAPVHRTASGPGKPDTYYVFTYDDVVRVLSNRRLGRNARVASGDTDTAP
VPIPTEHRALRTVVENWLVFLDPPHHTELRSLLTTEFSPSIVTGLRPRIAELASALLDRLRAQRRPDLVEGFAAPLPILV
ISALLGIPEEDHTWLRANAVALQEASTTRARDGRGYARAEAASQEFTRYFRREVDRRGGDDRDDLLTLLVRARDTGSPLS
VDGIVGTCVHLLTAGHETTTNFLAKAVLTLRAHRDVLDELRTTPESTPAAVEELMRYDPPVQAVTRWAYEDIRLGDHDIP
RGSRVVALLGSANRDPARFPDPDVLDVHRAAERQVGFGLGIHYCLGATLARAEAEIGLRALLDGIPALGRGAHEVEYADD
MVFHGPTRLLLDLPDAALEHHHHHH
;
_entity_poly.pdbx_strand_id   A
#
# COMPACT_ATOMS: atom_id res chain seq x y z
N ALA A 4 13.69 -31.03 4.44
CA ALA A 4 12.27 -30.77 4.83
C ALA A 4 11.30 -31.37 3.82
N THR A 5 10.15 -30.74 3.64
CA THR A 5 9.13 -31.19 2.70
C THR A 5 8.91 -30.11 1.63
N LEU A 6 8.74 -28.89 2.10
CA LEU A 6 8.56 -27.75 1.21
C LEU A 6 9.88 -26.99 1.15
N PRO A 7 10.14 -26.31 0.02
CA PRO A 7 11.33 -25.52 -0.26
C PRO A 7 11.48 -24.13 0.34
N ARG A 8 12.71 -23.66 0.24
CA ARG A 8 13.17 -22.36 0.69
C ARG A 8 12.11 -21.32 0.29
N PHE A 9 11.70 -20.47 1.23
CA PHE A 9 10.66 -19.49 0.93
C PHE A 9 11.08 -18.04 0.78
N ASP A 10 10.47 -17.36 -0.19
CA ASP A 10 10.73 -15.95 -0.45
C ASP A 10 9.65 -15.37 -1.38
N LEU A 11 9.76 -14.08 -1.70
CA LEU A 11 8.77 -13.39 -2.54
C LEU A 11 9.30 -12.93 -3.89
N MET A 12 10.41 -13.49 -4.33
CA MET A 12 10.99 -13.07 -5.59
C MET A 12 10.82 -14.01 -6.76
N GLY A 13 10.36 -13.47 -7.88
CA GLY A 13 10.23 -14.27 -9.09
C GLY A 13 9.04 -15.19 -9.17
N TRP A 14 7.90 -14.72 -8.72
CA TRP A 14 6.75 -15.58 -8.77
C TRP A 14 6.10 -15.56 -10.13
N ASP A 15 5.49 -16.69 -10.45
CA ASP A 15 4.78 -16.88 -11.69
C ASP A 15 3.47 -16.13 -11.57
N LYS A 16 3.01 -15.63 -12.70
CA LYS A 16 1.77 -14.87 -12.81
C LYS A 16 0.56 -15.40 -12.07
N LYS A 17 0.36 -16.69 -12.22
CA LYS A 17 -0.78 -17.33 -11.64
C LYS A 17 -0.72 -17.46 -10.10
N ASP A 18 0.47 -17.41 -9.51
CA ASP A 18 0.54 -17.50 -8.06
C ASP A 18 0.52 -16.12 -7.44
N ILE A 19 0.81 -15.12 -8.26
CA ILE A 19 0.78 -13.75 -7.79
C ILE A 19 -0.70 -13.42 -7.59
N ALA A 20 -1.50 -13.78 -8.59
CA ALA A 20 -2.93 -13.55 -8.60
C ALA A 20 -3.69 -14.32 -7.53
N ASP A 21 -3.05 -15.36 -7.01
CA ASP A 21 -3.68 -16.14 -5.96
C ASP A 21 -2.64 -16.86 -5.13
N PRO A 22 -1.93 -16.12 -4.31
CA PRO A 22 -0.88 -16.63 -3.44
C PRO A 22 -1.39 -17.30 -2.19
N TYR A 23 -2.66 -17.15 -1.87
CA TYR A 23 -3.12 -17.74 -0.62
C TYR A 23 -2.84 -19.24 -0.44
N PRO A 24 -2.84 -20.02 -1.54
CA PRO A 24 -2.55 -21.43 -1.28
C PRO A 24 -1.08 -21.61 -0.87
N VAL A 25 -0.21 -20.73 -1.35
CA VAL A 25 1.21 -20.79 -0.99
C VAL A 25 1.36 -20.46 0.50
N TYR A 26 0.76 -19.35 0.93
CA TYR A 26 0.82 -18.97 2.33
C TYR A 26 0.28 -20.10 3.18
N ARG A 27 -0.74 -20.79 2.67
CA ARG A 27 -1.31 -21.88 3.45
C ARG A 27 -0.38 -23.05 3.70
N ARG A 28 0.28 -23.54 2.65
CA ARG A 28 1.17 -24.67 2.86
C ARG A 28 2.25 -24.29 3.86
N TYR A 29 3.03 -23.26 3.55
CA TYR A 29 4.08 -22.84 4.47
C TYR A 29 3.59 -22.62 5.90
N ARG A 30 2.49 -21.90 6.04
CA ARG A 30 1.92 -21.62 7.36
C ARG A 30 1.61 -22.92 8.11
N GLU A 31 1.13 -23.93 7.40
CA GLU A 31 0.78 -25.22 8.00
C GLU A 31 2.01 -26.02 8.46
N ALA A 32 3.15 -25.79 7.82
CA ALA A 32 4.37 -26.50 8.19
C ALA A 32 5.01 -25.79 9.38
N ALA A 33 5.18 -24.48 9.25
CA ALA A 33 5.77 -23.67 10.30
C ALA A 33 5.21 -22.24 10.23
N PRO A 34 5.07 -21.57 11.38
CA PRO A 34 4.55 -20.21 11.47
C PRO A 34 5.60 -19.18 11.04
N VAL A 35 6.85 -19.59 11.07
CA VAL A 35 7.95 -18.74 10.68
C VAL A 35 8.84 -19.59 9.79
N HIS A 36 9.44 -18.96 8.79
CA HIS A 36 10.32 -19.63 7.85
C HIS A 36 11.55 -18.79 7.64
N ARG A 37 12.70 -19.32 8.04
CA ARG A 37 13.96 -18.61 7.91
C ARG A 37 14.49 -18.83 6.51
N THR A 38 15.05 -17.78 5.91
CA THR A 38 15.59 -17.88 4.57
C THR A 38 16.94 -17.18 4.55
N ALA A 39 17.99 -17.98 4.74
CA ALA A 39 19.35 -17.48 4.77
C ALA A 39 19.74 -16.69 3.54
N SER A 40 20.93 -16.11 3.59
CA SER A 40 21.42 -15.32 2.50
C SER A 40 22.93 -15.44 2.27
N GLY A 41 23.62 -16.20 3.12
CA GLY A 41 25.02 -16.38 2.83
C GLY A 41 26.16 -16.20 3.83
N PRO A 42 27.29 -15.68 3.32
CA PRO A 42 28.52 -15.41 4.05
C PRO A 42 28.56 -14.09 4.81
N GLY A 43 28.17 -14.13 6.08
CA GLY A 43 28.20 -12.93 6.88
C GLY A 43 27.04 -12.00 6.57
N LYS A 44 25.88 -12.57 6.30
CA LYS A 44 24.74 -11.74 6.00
C LYS A 44 23.51 -12.15 6.77
N PRO A 45 22.53 -11.25 6.73
CA PRO A 45 21.30 -11.59 7.41
C PRO A 45 20.27 -12.28 6.60
N ASP A 46 19.70 -13.25 7.31
N ASP A 46 19.71 -13.24 7.31
CA ASP A 46 18.65 -14.11 6.84
CA ASP A 46 18.67 -14.15 6.94
C ASP A 46 17.35 -13.38 7.02
C ASP A 46 17.35 -13.38 7.05
N THR A 47 16.31 -13.86 6.39
CA THR A 47 15.03 -13.21 6.50
C THR A 47 14.05 -14.18 7.12
N TYR A 48 13.25 -13.69 8.07
CA TYR A 48 12.26 -14.55 8.68
C TYR A 48 10.90 -14.10 8.21
N TYR A 49 10.17 -15.04 7.61
CA TYR A 49 8.85 -14.77 7.09
C TYR A 49 7.84 -15.25 8.12
N VAL A 50 6.94 -14.35 8.48
CA VAL A 50 5.90 -14.66 9.47
C VAL A 50 4.57 -14.89 8.74
N PHE A 51 3.94 -16.02 9.01
CA PHE A 51 2.69 -16.38 8.35
C PHE A 51 1.43 -16.37 9.18
N THR A 52 1.56 -16.47 10.50
CA THR A 52 0.37 -16.47 11.34
C THR A 52 -0.03 -15.08 11.81
N TYR A 53 -1.30 -14.94 12.18
CA TYR A 53 -1.85 -13.69 12.64
C TYR A 53 -1.23 -13.23 13.96
N ASP A 54 -1.11 -14.14 14.91
CA ASP A 54 -0.54 -13.80 16.21
C ASP A 54 0.88 -13.30 16.09
N ASP A 55 1.71 -14.00 15.32
CA ASP A 55 3.09 -13.59 15.15
C ASP A 55 3.23 -12.31 14.36
N VAL A 56 2.33 -12.09 13.40
CA VAL A 56 2.39 -10.86 12.62
C VAL A 56 2.07 -9.68 13.52
N VAL A 57 1.12 -9.86 14.42
CA VAL A 57 0.75 -8.82 15.37
C VAL A 57 1.93 -8.49 16.29
N ARG A 58 2.63 -9.52 16.75
CA ARG A 58 3.79 -9.33 17.62
C ARG A 58 4.89 -8.56 16.92
N VAL A 59 5.14 -8.92 15.68
CA VAL A 59 6.17 -8.31 14.85
C VAL A 59 5.97 -6.81 14.59
N LEU A 60 4.73 -6.39 14.38
CA LEU A 60 4.44 -4.98 14.13
C LEU A 60 4.13 -4.26 15.42
N SER A 61 4.21 -4.98 16.53
CA SER A 61 3.94 -4.40 17.82
C SER A 61 5.24 -4.08 18.56
N ASN A 62 6.20 -4.97 18.45
CA ASN A 62 7.50 -4.88 19.11
C ASN A 62 8.30 -3.59 18.95
N ARG A 63 8.64 -2.93 20.06
CA ARG A 63 9.42 -1.70 20.04
C ARG A 63 10.85 -2.08 19.69
N ARG A 64 11.04 -3.31 19.28
CA ARG A 64 12.35 -3.78 18.98
C ARG A 64 12.64 -4.04 17.55
N LEU A 65 11.62 -3.97 16.72
CA LEU A 65 11.82 -4.19 15.30
C LEU A 65 11.69 -2.82 14.65
N GLY A 66 12.77 -2.32 14.09
CA GLY A 66 12.76 -1.02 13.45
C GLY A 66 12.69 -1.07 11.94
N ARG A 67 12.83 0.09 11.31
CA ARG A 67 12.76 0.18 9.87
C ARG A 67 14.10 0.46 9.20
N ASN A 68 15.16 0.59 9.99
CA ASN A 68 16.47 0.93 9.46
C ASN A 68 17.52 -0.20 9.48
N ALA A 69 17.78 -0.79 8.32
CA ALA A 69 18.74 -1.88 8.19
C ALA A 69 20.15 -1.53 8.63
N ARG A 70 20.51 -0.27 8.44
CA ARG A 70 21.82 0.25 8.74
C ARG A 70 21.97 0.53 10.24
N VAL A 71 20.84 0.56 10.94
CA VAL A 71 20.83 0.77 12.38
C VAL A 71 20.89 -0.63 12.97
N ALA A 72 20.25 -1.56 12.28
CA ALA A 72 20.19 -2.95 12.70
C ALA A 72 21.56 -3.61 12.69
N SER A 73 22.22 -3.57 11.53
CA SER A 73 23.51 -4.20 11.36
C SER A 73 24.72 -3.56 12.07
N GLY A 74 24.57 -2.35 12.58
CA GLY A 74 25.70 -1.70 13.24
C GLY A 74 26.79 -1.41 12.21
N ASP A 75 26.57 -1.92 11.00
CA ASP A 75 27.45 -1.76 9.86
C ASP A 75 27.14 -0.34 9.37
N THR A 76 27.72 0.08 8.26
CA THR A 76 27.39 1.40 7.71
C THR A 76 27.58 1.41 6.20
N ASP A 77 28.20 0.35 5.66
CA ASP A 77 28.35 0.23 4.22
C ASP A 77 27.00 -0.31 3.79
N THR A 78 26.02 -0.14 4.67
CA THR A 78 24.67 -0.65 4.47
C THR A 78 23.64 0.46 4.30
N ALA A 79 22.85 0.41 3.24
CA ALA A 79 21.83 1.45 3.01
C ALA A 79 20.71 1.48 4.07
N PRO A 80 20.32 2.69 4.52
CA PRO A 80 19.27 2.90 5.52
C PRO A 80 17.93 2.37 4.99
N VAL A 81 17.72 2.58 3.70
CA VAL A 81 16.53 2.14 3.01
C VAL A 81 17.02 1.11 2.01
N PRO A 82 16.16 0.15 1.61
CA PRO A 82 16.56 -0.87 0.64
C PRO A 82 16.78 -0.36 -0.77
N ILE A 83 17.43 0.79 -0.90
CA ILE A 83 17.70 1.36 -2.21
C ILE A 83 19.21 1.35 -2.49
N PRO A 84 19.61 0.89 -3.69
CA PRO A 84 21.02 0.81 -4.12
C PRO A 84 21.70 2.18 -4.15
N THR A 85 22.81 2.29 -3.42
CA THR A 85 23.54 3.55 -3.32
C THR A 85 23.81 4.30 -4.62
N GLU A 86 24.16 3.57 -5.68
CA GLU A 86 24.46 4.21 -6.96
C GLU A 86 23.34 5.13 -7.45
N HIS A 87 22.13 4.92 -6.92
CA HIS A 87 20.99 5.74 -7.30
C HIS A 87 20.72 6.77 -6.22
N ARG A 88 21.04 8.01 -6.53
CA ARG A 88 20.92 9.12 -5.59
C ARG A 88 19.53 9.73 -5.40
N ALA A 89 18.97 10.30 -6.46
CA ALA A 89 17.64 10.91 -6.37
C ALA A 89 16.70 9.92 -5.69
N LEU A 90 16.56 8.76 -6.31
CA LEU A 90 15.72 7.70 -5.79
C LEU A 90 15.91 7.56 -4.28
N ARG A 91 17.16 7.29 -3.91
CA ARG A 91 17.59 7.11 -2.53
C ARG A 91 17.31 8.25 -1.57
N THR A 92 17.28 9.49 -2.06
CA THR A 92 17.04 10.62 -1.18
C THR A 92 15.56 10.81 -0.94
N VAL A 93 14.77 10.27 -1.85
CA VAL A 93 13.32 10.37 -1.76
C VAL A 93 12.73 9.25 -0.91
N VAL A 94 13.38 8.08 -0.92
CA VAL A 94 12.87 6.96 -0.15
C VAL A 94 13.28 7.06 1.31
N GLU A 95 14.44 7.66 1.56
CA GLU A 95 14.92 7.84 2.92
C GLU A 95 13.98 8.79 3.63
N ASN A 96 13.34 9.65 2.85
CA ASN A 96 12.44 10.63 3.43
C ASN A 96 10.97 10.23 3.58
N TRP A 97 10.72 8.93 3.51
CA TRP A 97 9.36 8.43 3.68
C TRP A 97 9.10 8.07 5.13
N LEU A 98 8.02 8.62 5.67
CA LEU A 98 7.63 8.38 7.05
C LEU A 98 7.68 6.89 7.41
N VAL A 99 7.19 6.06 6.50
CA VAL A 99 7.15 4.61 6.71
C VAL A 99 8.50 3.97 7.06
N PHE A 100 9.59 4.50 6.51
CA PHE A 100 10.91 3.96 6.81
C PHE A 100 11.58 4.74 7.92
N LEU A 101 10.77 5.39 8.75
CA LEU A 101 11.32 6.19 9.84
C LEU A 101 11.09 5.59 11.23
N ASP A 102 12.05 5.79 12.13
CA ASP A 102 11.93 5.28 13.50
C ASP A 102 11.71 6.45 14.43
N PRO A 103 11.20 6.18 15.63
CA PRO A 103 11.01 7.30 16.55
C PRO A 103 12.47 7.70 16.83
N PRO A 104 12.72 8.97 17.18
CA PRO A 104 11.82 10.10 17.36
C PRO A 104 11.41 10.82 16.09
N HIS A 105 12.29 10.84 15.08
CA HIS A 105 11.97 11.53 13.84
C HIS A 105 10.57 11.19 13.33
N HIS A 106 10.28 9.90 13.23
CA HIS A 106 9.00 9.43 12.75
C HIS A 106 7.85 9.97 13.59
N THR A 107 8.03 9.97 14.91
CA THR A 107 6.99 10.46 15.80
C THR A 107 6.64 11.92 15.50
N GLU A 108 7.66 12.76 15.35
CA GLU A 108 7.45 14.18 15.08
C GLU A 108 6.79 14.46 13.74
N LEU A 109 7.14 13.67 12.74
CA LEU A 109 6.60 13.86 11.40
C LEU A 109 5.20 13.31 11.29
N ARG A 110 4.91 12.24 12.03
CA ARG A 110 3.57 11.66 11.97
C ARG A 110 2.59 12.57 12.67
N SER A 111 3.08 13.23 13.71
CA SER A 111 2.25 14.13 14.50
C SER A 111 1.92 15.40 13.74
N LEU A 112 2.92 15.95 13.06
CA LEU A 112 2.70 17.17 12.30
C LEU A 112 1.76 16.89 11.14
N LEU A 113 1.73 15.64 10.72
CA LEU A 113 0.92 15.24 9.57
C LEU A 113 -0.48 14.74 9.88
N THR A 114 -0.58 13.86 10.88
CA THR A 114 -1.83 13.22 11.28
C THR A 114 -3.09 14.09 11.36
N THR A 115 -2.94 15.36 11.71
CA THR A 115 -4.10 16.25 11.83
C THR A 115 -4.76 16.55 10.49
N GLU A 116 -4.05 16.27 9.41
CA GLU A 116 -4.58 16.54 8.08
C GLU A 116 -5.44 15.43 7.49
N PHE A 117 -5.57 14.32 8.21
CA PHE A 117 -6.37 13.21 7.75
C PHE A 117 -7.36 12.78 8.84
N SER A 118 -7.85 13.76 9.58
CA SER A 118 -8.79 13.49 10.67
C SER A 118 -10.15 13.00 10.21
N PRO A 119 -10.87 12.27 11.08
CA PRO A 119 -12.19 11.76 10.73
C PRO A 119 -13.13 12.91 10.35
N SER A 120 -12.89 14.09 10.90
CA SER A 120 -13.75 15.22 10.60
C SER A 120 -13.43 15.78 9.23
N ILE A 121 -12.16 15.73 8.83
CA ILE A 121 -11.83 16.21 7.49
C ILE A 121 -12.38 15.22 6.47
N VAL A 122 -12.15 13.93 6.71
CA VAL A 122 -12.62 12.88 5.81
C VAL A 122 -14.14 12.94 5.61
N THR A 123 -14.88 13.18 6.69
CA THR A 123 -16.33 13.28 6.60
C THR A 123 -16.75 14.41 5.66
N GLY A 124 -16.09 15.56 5.79
CA GLY A 124 -16.43 16.68 4.93
C GLY A 124 -15.90 16.53 3.52
N LEU A 125 -15.37 15.35 3.22
CA LEU A 125 -14.80 15.07 1.91
C LEU A 125 -15.61 14.00 1.16
N ARG A 126 -16.36 13.20 1.92
CA ARG A 126 -17.19 12.15 1.34
C ARG A 126 -17.98 12.62 0.13
N PRO A 127 -18.53 13.84 0.19
CA PRO A 127 -19.31 14.39 -0.92
C PRO A 127 -18.53 14.58 -2.22
N ARG A 128 -17.35 15.19 -2.11
CA ARG A 128 -16.50 15.45 -3.27
C ARG A 128 -15.90 14.16 -3.81
N ILE A 129 -15.73 13.18 -2.94
CA ILE A 129 -15.18 11.90 -3.33
C ILE A 129 -16.26 11.15 -4.12
N ALA A 130 -17.51 11.38 -3.73
CA ALA A 130 -18.64 10.73 -4.38
C ALA A 130 -18.82 11.31 -5.76
N GLU A 131 -18.71 12.64 -5.83
CA GLU A 131 -18.86 13.40 -7.07
C GLU A 131 -17.77 13.04 -8.09
N LEU A 132 -16.55 12.85 -7.60
CA LEU A 132 -15.42 12.50 -8.46
C LEU A 132 -15.65 11.14 -9.09
N ALA A 133 -15.90 10.17 -8.23
CA ALA A 133 -16.15 8.79 -8.65
C ALA A 133 -17.22 8.72 -9.74
N SER A 134 -18.30 9.47 -9.57
CA SER A 134 -19.38 9.45 -10.53
C SER A 134 -18.95 9.96 -11.90
N ALA A 135 -18.30 11.12 -11.93
CA ALA A 135 -17.83 11.73 -13.18
C ALA A 135 -16.80 10.84 -13.87
N LEU A 136 -16.07 10.06 -13.08
CA LEU A 136 -15.07 9.18 -13.64
C LEU A 136 -15.74 8.04 -14.37
N LEU A 137 -16.80 7.51 -13.76
CA LEU A 137 -17.55 6.40 -14.33
C LEU A 137 -18.29 6.86 -15.59
N ASP A 138 -18.43 8.17 -15.75
CA ASP A 138 -19.08 8.73 -16.92
C ASP A 138 -18.13 8.65 -18.11
N ARG A 139 -16.93 9.18 -17.95
CA ARG A 139 -15.94 9.15 -19.02
C ARG A 139 -15.59 7.71 -19.34
N LEU A 140 -15.41 6.90 -18.31
CA LEU A 140 -15.05 5.50 -18.51
C LEU A 140 -16.14 4.71 -19.21
N ARG A 141 -17.38 5.16 -19.09
CA ARG A 141 -18.50 4.46 -19.72
C ARG A 141 -18.60 4.74 -21.21
N ALA A 142 -18.35 6.00 -21.59
CA ALA A 142 -18.41 6.38 -22.99
C ALA A 142 -17.07 5.94 -23.56
N GLN A 143 -16.73 4.67 -23.39
CA GLN A 143 -15.43 4.23 -23.85
C GLN A 143 -15.23 2.82 -24.35
N ARG A 144 -14.24 2.69 -25.24
CA ARG A 144 -13.94 1.41 -25.85
C ARG A 144 -12.98 0.56 -25.01
N ARG A 145 -13.50 -0.59 -24.57
CA ARG A 145 -12.75 -1.53 -23.74
C ARG A 145 -12.32 -0.80 -22.47
N PRO A 146 -13.28 -0.49 -21.61
CA PRO A 146 -12.95 0.21 -20.35
C PRO A 146 -11.97 -0.52 -19.48
N ASP A 147 -10.99 0.20 -18.94
CA ASP A 147 -10.09 -0.47 -18.03
C ASP A 147 -10.31 0.11 -16.64
N LEU A 148 -10.91 -0.69 -15.77
CA LEU A 148 -11.21 -0.29 -14.42
C LEU A 148 -10.06 0.32 -13.64
N VAL A 149 -8.80 0.00 -13.98
CA VAL A 149 -7.69 0.56 -13.22
C VAL A 149 -7.33 1.99 -13.62
N GLU A 150 -6.75 2.15 -14.81
CA GLU A 150 -6.34 3.47 -15.28
C GLU A 150 -7.52 4.39 -15.49
N GLY A 151 -8.70 3.79 -15.63
CA GLY A 151 -9.89 4.59 -15.85
C GLY A 151 -10.76 4.80 -14.62
N PHE A 152 -10.31 4.32 -13.47
CA PHE A 152 -11.10 4.50 -12.27
C PHE A 152 -10.38 4.35 -10.95
N ALA A 153 -10.05 3.11 -10.60
CA ALA A 153 -9.38 2.78 -9.36
C ALA A 153 -8.10 3.60 -9.11
N ALA A 154 -7.43 3.99 -10.19
CA ALA A 154 -6.21 4.76 -10.04
C ALA A 154 -6.45 6.27 -9.92
N PRO A 155 -7.17 6.87 -10.88
CA PRO A 155 -7.39 8.31 -10.80
C PRO A 155 -8.27 8.79 -9.64
N LEU A 156 -9.16 7.95 -9.13
CA LEU A 156 -10.02 8.36 -8.02
C LEU A 156 -9.22 8.82 -6.80
N PRO A 157 -8.42 7.92 -6.20
CA PRO A 157 -7.64 8.31 -5.02
C PRO A 157 -6.57 9.37 -5.34
N ILE A 158 -6.09 9.39 -6.59
CA ILE A 158 -5.08 10.36 -6.99
C ILE A 158 -5.67 11.77 -6.97
N LEU A 159 -6.92 11.89 -7.42
CA LEU A 159 -7.58 13.19 -7.43
C LEU A 159 -7.85 13.65 -5.99
N VAL A 160 -8.07 12.69 -5.11
CA VAL A 160 -8.36 12.99 -3.72
C VAL A 160 -7.11 13.43 -2.97
N ILE A 161 -6.01 12.69 -3.15
CA ILE A 161 -4.78 13.04 -2.47
C ILE A 161 -4.13 14.28 -3.09
N SER A 162 -4.31 14.46 -4.40
CA SER A 162 -3.73 15.62 -5.07
C SER A 162 -4.36 16.94 -4.60
N ALA A 163 -5.65 16.93 -4.31
CA ALA A 163 -6.33 18.12 -3.84
C ALA A 163 -5.88 18.36 -2.40
N LEU A 164 -5.51 17.28 -1.73
CA LEU A 164 -5.06 17.36 -0.36
C LEU A 164 -3.67 18.00 -0.32
N LEU A 165 -2.77 17.53 -1.18
CA LEU A 165 -1.42 18.07 -1.25
C LEU A 165 -1.44 19.51 -1.75
N GLY A 166 -2.31 19.78 -2.71
CA GLY A 166 -2.41 21.12 -3.25
C GLY A 166 -1.86 21.16 -4.67
N ILE A 167 -2.00 20.06 -5.39
CA ILE A 167 -1.52 20.02 -6.76
C ILE A 167 -2.64 19.76 -7.75
N PRO A 168 -2.54 20.32 -8.96
CA PRO A 168 -3.51 20.21 -10.05
C PRO A 168 -3.97 18.80 -10.37
N GLU A 169 -5.24 18.68 -10.71
CA GLU A 169 -5.84 17.42 -11.07
C GLU A 169 -5.46 17.08 -12.47
N GLU A 170 -5.13 18.11 -13.24
CA GLU A 170 -4.78 17.91 -14.63
C GLU A 170 -3.55 17.02 -14.73
N ASP A 171 -2.79 16.95 -13.64
CA ASP A 171 -1.58 16.13 -13.63
C ASP A 171 -1.87 14.69 -13.20
N HIS A 172 -3.14 14.37 -12.94
CA HIS A 172 -3.48 13.03 -12.47
C HIS A 172 -2.93 11.86 -13.27
N THR A 173 -2.89 11.96 -14.59
CA THR A 173 -2.35 10.88 -15.40
C THR A 173 -0.82 10.91 -15.33
N TRP A 174 -0.26 12.12 -15.30
CA TRP A 174 1.18 12.23 -15.22
C TRP A 174 1.67 11.69 -13.86
N LEU A 175 0.91 11.94 -12.80
CA LEU A 175 1.29 11.45 -11.48
C LEU A 175 1.22 9.93 -11.42
N ARG A 176 0.20 9.36 -12.04
CA ARG A 176 0.04 7.90 -12.04
C ARG A 176 1.24 7.24 -12.72
N ALA A 177 1.58 7.70 -13.92
CA ALA A 177 2.70 7.15 -14.66
C ALA A 177 3.98 7.08 -13.84
N ASN A 178 4.45 8.22 -13.36
CA ASN A 178 5.67 8.26 -12.57
C ASN A 178 5.57 7.40 -11.30
N ALA A 179 4.39 7.36 -10.69
CA ALA A 179 4.21 6.58 -9.48
C ALA A 179 4.51 5.11 -9.80
N VAL A 180 3.94 4.63 -10.90
CA VAL A 180 4.15 3.24 -11.31
C VAL A 180 5.59 2.98 -11.67
N ALA A 181 6.26 3.98 -12.23
CA ALA A 181 7.67 3.83 -12.61
C ALA A 181 8.52 3.72 -11.36
N LEU A 182 8.25 4.60 -10.40
CA LEU A 182 8.99 4.63 -9.15
C LEU A 182 8.81 3.32 -8.41
N GLN A 183 7.61 2.77 -8.55
CA GLN A 183 7.24 1.55 -7.88
C GLN A 183 8.07 0.36 -8.31
N GLU A 184 8.86 0.52 -9.36
CA GLU A 184 9.70 -0.57 -9.84
C GLU A 184 10.88 -0.83 -8.89
N ALA A 185 10.98 -0.03 -7.83
CA ALA A 185 12.06 -0.17 -6.87
C ALA A 185 11.74 -1.00 -5.62
N SER A 186 10.47 -1.31 -5.37
CA SER A 186 10.13 -2.08 -4.18
C SER A 186 10.88 -3.41 -4.24
N THR A 187 11.23 -3.94 -3.07
CA THR A 187 12.01 -5.17 -2.97
C THR A 187 11.53 -6.45 -3.63
N THR A 188 10.25 -6.61 -3.90
CA THR A 188 9.80 -7.84 -4.52
C THR A 188 9.94 -7.86 -6.02
N ARG A 189 10.22 -6.71 -6.63
CA ARG A 189 10.37 -6.74 -8.08
C ARG A 189 11.78 -7.05 -8.50
N ALA A 190 11.85 -7.41 -9.77
CA ALA A 190 13.08 -7.72 -10.43
C ALA A 190 13.90 -6.42 -10.47
N ARG A 191 15.13 -6.55 -10.92
CA ARG A 191 16.07 -5.45 -10.97
C ARG A 191 16.62 -5.75 -12.36
N ASP A 192 15.91 -6.69 -12.99
CA ASP A 192 16.22 -7.27 -14.26
C ASP A 192 15.66 -6.67 -15.51
N GLY A 193 16.67 -6.27 -16.31
CA GLY A 193 16.41 -5.51 -17.52
C GLY A 193 15.83 -4.26 -16.90
N ARG A 194 16.31 -3.11 -17.35
CA ARG A 194 15.72 -1.87 -16.92
C ARG A 194 15.38 -1.73 -15.42
N GLY A 195 16.21 -2.27 -14.53
CA GLY A 195 15.93 -2.17 -13.10
C GLY A 195 15.54 -0.81 -12.55
N TYR A 196 16.38 -0.30 -11.65
CA TYR A 196 16.14 0.98 -11.03
C TYR A 196 16.08 2.12 -12.04
N ALA A 197 16.69 1.93 -13.20
CA ALA A 197 16.72 2.94 -14.24
C ALA A 197 15.46 3.83 -14.28
N ARG A 198 14.31 3.23 -14.54
CA ARG A 198 13.06 3.96 -14.61
C ARG A 198 12.62 4.56 -13.28
N ALA A 199 12.92 3.87 -12.18
CA ALA A 199 12.54 4.38 -10.86
C ALA A 199 13.39 5.60 -10.53
N GLU A 200 14.60 5.64 -11.08
CA GLU A 200 15.50 6.76 -10.84
C GLU A 200 14.93 8.01 -11.50
N ALA A 201 14.56 7.89 -12.77
CA ALA A 201 14.01 9.01 -13.53
C ALA A 201 12.69 9.47 -12.93
N ALA A 202 11.93 8.52 -12.42
CA ALA A 202 10.65 8.86 -11.81
C ALA A 202 10.95 9.71 -10.58
N SER A 203 11.93 9.30 -9.79
CA SER A 203 12.29 10.05 -8.60
C SER A 203 12.72 11.47 -8.96
N GLN A 204 13.50 11.60 -10.03
CA GLN A 204 13.99 12.91 -10.44
C GLN A 204 12.88 13.88 -10.86
N GLU A 205 11.90 13.37 -11.62
CA GLU A 205 10.80 14.21 -12.05
C GLU A 205 9.98 14.72 -10.87
N PHE A 206 9.72 13.83 -9.90
CA PHE A 206 8.95 14.19 -8.71
C PHE A 206 9.67 15.23 -7.87
N THR A 207 11.00 15.11 -7.82
CA THR A 207 11.79 16.05 -7.03
C THR A 207 11.69 17.46 -7.61
N ARG A 208 11.81 17.56 -8.93
CA ARG A 208 11.72 18.87 -9.57
C ARG A 208 10.30 19.37 -9.45
N TYR A 209 9.35 18.50 -9.77
CA TYR A 209 7.94 18.87 -9.72
C TYR A 209 7.57 19.43 -8.36
N PHE A 210 7.90 18.70 -7.30
CA PHE A 210 7.57 19.16 -5.98
C PHE A 210 8.42 20.33 -5.53
N ARG A 211 9.67 20.35 -5.98
CA ARG A 211 10.50 21.45 -5.61
C ARG A 211 9.92 22.73 -6.14
N ARG A 212 9.38 22.66 -7.35
CA ARG A 212 8.78 23.84 -7.92
C ARG A 212 7.62 24.28 -7.04
N GLU A 213 6.80 23.32 -6.63
CA GLU A 213 5.64 23.61 -5.79
C GLU A 213 6.01 24.38 -4.52
N VAL A 214 6.83 23.77 -3.68
CA VAL A 214 7.26 24.38 -2.43
C VAL A 214 7.88 25.76 -2.65
N ASP A 215 8.55 25.93 -3.78
CA ASP A 215 9.19 27.20 -4.05
C ASP A 215 8.16 28.25 -4.36
N ARG A 216 6.92 27.81 -4.57
CA ARG A 216 5.85 28.71 -4.90
C ARG A 216 5.01 29.11 -3.70
N ARG A 217 5.34 28.61 -2.52
CA ARG A 217 4.53 28.88 -1.33
C ARG A 217 4.75 30.16 -0.57
N GLY A 218 3.80 31.06 -0.74
CA GLY A 218 3.96 32.40 -0.12
C GLY A 218 3.60 33.37 -1.24
N GLY A 219 2.47 33.05 -1.88
CA GLY A 219 1.78 33.54 -3.08
C GLY A 219 0.43 33.24 -2.41
N ASP A 220 -0.01 32.02 -2.69
CA ASP A 220 -1.08 31.61 -1.87
C ASP A 220 -0.76 30.53 -0.94
N ASP A 221 -1.76 30.37 -0.16
CA ASP A 221 -1.58 29.71 1.03
C ASP A 221 -2.97 29.44 1.20
N ARG A 222 -3.25 28.19 1.14
CA ARG A 222 -4.58 27.75 1.24
C ARG A 222 -4.28 26.80 2.36
N ASP A 223 -5.19 25.88 2.57
CA ASP A 223 -4.92 24.85 3.51
C ASP A 223 -4.56 23.85 2.45
N ASP A 224 -3.40 23.26 2.58
CA ASP A 224 -3.01 22.22 1.69
C ASP A 224 -1.67 21.82 2.21
N LEU A 225 -1.50 20.51 2.29
CA LEU A 225 -0.30 19.92 2.79
C LEU A 225 0.98 20.67 2.39
N LEU A 226 1.15 20.96 1.11
CA LEU A 226 2.34 21.67 0.69
C LEU A 226 2.53 22.95 1.51
N THR A 227 1.50 23.77 1.58
CA THR A 227 1.59 25.02 2.32
C THR A 227 1.79 24.79 3.81
N LEU A 228 1.16 23.76 4.36
CA LEU A 228 1.29 23.45 5.77
C LEU A 228 2.75 23.13 6.07
N LEU A 229 3.34 22.28 5.23
CA LEU A 229 4.72 21.87 5.39
C LEU A 229 5.70 23.04 5.28
N VAL A 230 5.67 23.72 4.15
CA VAL A 230 6.57 24.86 3.94
C VAL A 230 6.39 25.90 5.02
N ARG A 231 5.21 25.92 5.64
CA ARG A 231 4.93 26.88 6.70
C ARG A 231 5.73 26.49 7.94
N ALA A 232 5.75 25.20 8.23
CA ALA A 232 6.49 24.71 9.39
C ALA A 232 7.93 25.20 9.25
N ARG A 233 8.61 24.71 8.22
CA ARG A 233 9.98 25.07 7.94
C ARG A 233 10.31 26.57 8.07
N ASP A 234 9.43 27.45 7.55
CA ASP A 234 9.71 28.90 7.61
C ASP A 234 9.51 29.55 8.97
N THR A 235 8.88 28.83 9.90
CA THR A 235 8.59 29.34 11.22
C THR A 235 9.18 28.45 12.28
N GLY A 236 10.43 28.13 12.05
CA GLY A 236 11.11 27.19 12.88
C GLY A 236 10.82 25.75 12.98
N SER A 237 10.58 25.09 11.86
CA SER A 237 10.45 23.70 11.98
C SER A 237 11.65 23.11 11.28
N PRO A 238 12.23 22.08 11.85
CA PRO A 238 13.41 21.41 11.30
C PRO A 238 13.20 20.43 10.16
N LEU A 239 12.94 20.92 8.97
CA LEU A 239 12.76 19.98 7.89
C LEU A 239 13.28 20.56 6.59
N SER A 240 13.89 19.70 5.79
CA SER A 240 14.47 20.13 4.54
C SER A 240 13.51 19.97 3.37
N VAL A 241 13.93 20.47 2.22
CA VAL A 241 13.15 20.36 1.02
C VAL A 241 13.16 18.90 0.64
N ASP A 242 14.30 18.24 0.90
CA ASP A 242 14.40 16.81 0.60
C ASP A 242 13.41 16.10 1.50
N GLY A 243 13.13 16.71 2.65
CA GLY A 243 12.18 16.14 3.58
C GLY A 243 10.76 16.39 3.11
N ILE A 244 10.52 17.61 2.64
CA ILE A 244 9.20 17.99 2.16
C ILE A 244 8.90 17.27 0.85
N VAL A 245 9.89 17.21 -0.03
CA VAL A 245 9.73 16.55 -1.30
C VAL A 245 9.43 15.07 -1.17
N GLY A 246 10.16 14.38 -0.30
CA GLY A 246 9.92 12.96 -0.14
C GLY A 246 8.56 12.70 0.48
N THR A 247 8.21 13.53 1.44
CA THR A 247 6.94 13.40 2.12
C THR A 247 5.81 13.54 1.13
N CYS A 248 6.00 14.42 0.15
CA CYS A 248 4.98 14.63 -0.89
C CYS A 248 4.85 13.38 -1.76
N VAL A 249 5.99 12.85 -2.18
CA VAL A 249 6.01 11.64 -3.01
C VAL A 249 5.39 10.49 -2.21
N HIS A 250 5.79 10.40 -0.95
CA HIS A 250 5.30 9.37 -0.04
C HIS A 250 3.79 9.38 0.11
N LEU A 251 3.20 10.57 0.22
CA LEU A 251 1.76 10.71 0.37
C LEU A 251 1.06 10.44 -0.94
N LEU A 252 1.65 10.89 -2.03
CA LEU A 252 1.04 10.69 -3.34
C LEU A 252 0.94 9.20 -3.65
N THR A 253 1.99 8.47 -3.33
CA THR A 253 2.02 7.04 -3.59
C THR A 253 1.16 6.33 -2.54
N ALA A 254 1.47 6.57 -1.28
CA ALA A 254 0.72 5.96 -0.18
C ALA A 254 -0.74 6.33 -0.32
N GLY A 255 -0.99 7.51 -0.90
CA GLY A 255 -2.33 7.99 -1.07
C GLY A 255 -3.19 7.28 -2.11
N HIS A 256 -2.59 6.52 -3.01
CA HIS A 256 -3.42 5.86 -4.00
C HIS A 256 -3.09 4.42 -4.40
N GLU A 257 -1.81 4.12 -4.57
CA GLU A 257 -1.44 2.78 -5.01
C GLU A 257 -2.09 1.66 -4.20
N THR A 258 -2.40 1.92 -2.95
CA THR A 258 -3.05 0.91 -2.13
C THR A 258 -4.57 0.94 -2.35
N THR A 259 -5.11 2.14 -2.49
CA THR A 259 -6.55 2.29 -2.72
C THR A 259 -6.90 1.70 -4.06
N THR A 260 -6.03 1.91 -5.04
CA THR A 260 -6.23 1.41 -6.38
C THR A 260 -6.27 -0.11 -6.38
N ASN A 261 -5.23 -0.72 -5.84
CA ASN A 261 -5.16 -2.16 -5.79
C ASN A 261 -6.30 -2.80 -5.02
N PHE A 262 -6.83 -2.06 -4.06
CA PHE A 262 -7.94 -2.59 -3.27
C PHE A 262 -9.19 -2.59 -4.11
N LEU A 263 -9.47 -1.43 -4.72
CA LEU A 263 -10.65 -1.29 -5.57
C LEU A 263 -10.68 -2.35 -6.66
N ALA A 264 -9.57 -2.50 -7.37
CA ALA A 264 -9.47 -3.48 -8.44
C ALA A 264 -9.70 -4.90 -7.93
N LYS A 265 -8.95 -5.29 -6.91
CA LYS A 265 -9.11 -6.64 -6.37
C LYS A 265 -10.47 -6.86 -5.72
N ALA A 266 -11.17 -5.76 -5.41
CA ALA A 266 -12.47 -5.87 -4.78
C ALA A 266 -13.45 -6.32 -5.84
N VAL A 267 -13.18 -5.93 -7.08
CA VAL A 267 -14.01 -6.30 -8.20
C VAL A 267 -13.79 -7.76 -8.57
N LEU A 268 -12.53 -8.20 -8.60
CA LEU A 268 -12.26 -9.59 -8.93
C LEU A 268 -12.87 -10.51 -7.89
N THR A 269 -12.83 -10.07 -6.64
CA THR A 269 -13.39 -10.86 -5.54
C THR A 269 -14.90 -10.98 -5.65
N LEU A 270 -15.58 -9.86 -5.84
CA LEU A 270 -17.03 -9.88 -5.96
C LEU A 270 -17.50 -10.70 -7.18
N ARG A 271 -16.77 -10.61 -8.28
CA ARG A 271 -17.15 -11.36 -9.48
C ARG A 271 -17.01 -12.86 -9.26
N ALA A 272 -16.13 -13.22 -8.32
CA ALA A 272 -15.91 -14.62 -8.00
C ALA A 272 -16.83 -15.05 -6.88
N HIS A 273 -17.68 -14.12 -6.42
CA HIS A 273 -18.64 -14.38 -5.34
C HIS A 273 -19.91 -13.61 -5.62
N ARG A 274 -20.56 -13.95 -6.74
CA ARG A 274 -21.78 -13.26 -7.13
C ARG A 274 -22.86 -13.12 -6.08
N ASP A 275 -22.99 -14.10 -5.19
CA ASP A 275 -24.01 -14.03 -4.15
C ASP A 275 -23.82 -12.78 -3.29
N VAL A 276 -22.56 -12.47 -2.98
CA VAL A 276 -22.24 -11.31 -2.17
C VAL A 276 -22.41 -10.03 -2.98
N LEU A 277 -21.84 -9.99 -4.18
CA LEU A 277 -21.97 -8.82 -5.04
C LEU A 277 -23.44 -8.47 -5.26
N ASP A 278 -24.27 -9.50 -5.40
CA ASP A 278 -25.70 -9.30 -5.61
C ASP A 278 -26.36 -8.83 -4.34
N GLU A 279 -25.68 -9.05 -3.22
CA GLU A 279 -26.21 -8.62 -1.93
C GLU A 279 -25.96 -7.12 -1.81
N LEU A 280 -24.72 -6.70 -2.08
CA LEU A 280 -24.37 -5.28 -2.01
C LEU A 280 -25.27 -4.44 -2.90
N ARG A 281 -25.54 -4.92 -4.10
CA ARG A 281 -26.38 -4.19 -5.03
C ARG A 281 -27.76 -3.92 -4.44
N THR A 282 -28.32 -4.93 -3.77
CA THR A 282 -29.65 -4.78 -3.17
C THR A 282 -29.66 -4.11 -1.80
N THR A 283 -28.59 -4.30 -1.03
CA THR A 283 -28.53 -3.72 0.30
C THR A 283 -27.33 -2.78 0.51
N PRO A 284 -27.50 -1.49 0.16
CA PRO A 284 -26.52 -0.42 0.26
C PRO A 284 -25.81 -0.28 1.60
N GLU A 285 -26.54 -0.41 2.71
CA GLU A 285 -25.93 -0.27 4.03
C GLU A 285 -24.92 -1.36 4.38
N SER A 286 -24.90 -2.44 3.62
CA SER A 286 -23.96 -3.53 3.87
C SER A 286 -22.55 -3.16 3.44
N THR A 287 -22.44 -2.11 2.62
CA THR A 287 -21.15 -1.68 2.10
C THR A 287 -20.02 -1.61 3.13
N PRO A 288 -20.23 -0.87 4.23
CA PRO A 288 -19.17 -0.76 5.24
C PRO A 288 -18.66 -2.12 5.72
N ALA A 289 -19.60 -3.01 6.03
CA ALA A 289 -19.27 -4.35 6.50
C ALA A 289 -18.54 -5.14 5.43
N ALA A 290 -19.01 -5.02 4.19
CA ALA A 290 -18.41 -5.72 3.08
C ALA A 290 -16.96 -5.25 2.87
N VAL A 291 -16.74 -3.94 2.92
CA VAL A 291 -15.40 -3.37 2.73
C VAL A 291 -14.41 -3.98 3.73
N GLU A 292 -14.89 -4.28 4.93
CA GLU A 292 -14.05 -4.87 5.95
C GLU A 292 -13.59 -6.27 5.49
N GLU A 293 -14.54 -7.06 5.01
CA GLU A 293 -14.25 -8.42 4.53
C GLU A 293 -13.38 -8.44 3.28
N LEU A 294 -13.72 -7.59 2.31
CA LEU A 294 -12.96 -7.50 1.06
C LEU A 294 -11.54 -7.17 1.42
N MET A 295 -11.41 -6.39 2.48
CA MET A 295 -10.10 -5.96 2.93
C MET A 295 -9.36 -7.14 3.54
N ARG A 296 -9.96 -7.88 4.43
CA ARG A 296 -9.14 -8.93 4.92
C ARG A 296 -8.97 -10.08 3.91
N TYR A 297 -10.03 -10.43 3.19
CA TYR A 297 -9.98 -11.46 2.11
C TYR A 297 -8.81 -11.31 1.14
N ASP A 298 -8.58 -10.10 0.64
CA ASP A 298 -7.48 -9.91 -0.34
C ASP A 298 -6.85 -8.51 -0.24
N PRO A 299 -6.14 -8.24 0.87
CA PRO A 299 -5.47 -6.97 1.16
C PRO A 299 -4.48 -6.55 0.07
N PRO A 300 -4.37 -5.22 -0.18
CA PRO A 300 -3.47 -4.63 -1.19
C PRO A 300 -1.99 -4.65 -0.82
N VAL A 301 -1.69 -4.73 0.47
CA VAL A 301 -0.31 -4.76 0.94
C VAL A 301 -0.04 -6.16 1.49
N GLN A 302 0.66 -6.97 0.71
CA GLN A 302 0.94 -8.35 1.12
C GLN A 302 2.14 -8.52 2.04
N ALA A 303 3.07 -7.58 2.02
CA ALA A 303 4.25 -7.72 2.85
C ALA A 303 4.95 -6.45 3.32
N VAL A 304 5.28 -6.41 4.60
CA VAL A 304 5.99 -5.29 5.19
C VAL A 304 7.20 -5.86 5.92
N THR A 305 8.28 -5.09 5.97
CA THR A 305 9.49 -5.55 6.61
C THR A 305 9.95 -4.71 7.79
N ARG A 306 10.52 -5.37 8.77
CA ARG A 306 11.05 -4.71 9.95
C ARG A 306 12.46 -5.29 10.13
N TRP A 307 13.27 -4.65 10.97
CA TRP A 307 14.62 -5.10 11.23
C TRP A 307 14.88 -5.24 12.72
N ALA A 308 15.45 -6.38 13.12
CA ALA A 308 15.75 -6.63 14.52
C ALA A 308 16.89 -5.74 15.03
N TYR A 309 16.64 -4.98 16.09
CA TYR A 309 17.64 -4.08 16.67
C TYR A 309 18.36 -4.71 17.85
N GLU A 310 17.94 -5.94 18.18
CA GLU A 310 18.50 -6.74 19.26
C GLU A 310 17.87 -8.12 19.08
N ASP A 311 18.43 -9.16 19.67
CA ASP A 311 17.86 -10.50 19.50
C ASP A 311 16.42 -10.55 19.96
N ILE A 312 15.61 -11.37 19.31
CA ILE A 312 14.20 -11.55 19.66
C ILE A 312 13.81 -12.99 19.39
N ARG A 313 12.86 -13.53 20.16
CA ARG A 313 12.38 -14.91 19.98
C ARG A 313 10.95 -14.85 19.45
N LEU A 314 10.76 -15.30 18.22
CA LEU A 314 9.43 -15.31 17.63
C LEU A 314 9.08 -16.73 17.23
N GLY A 315 7.92 -17.21 17.69
CA GLY A 315 7.53 -18.57 17.39
C GLY A 315 8.49 -19.43 18.20
N ASP A 316 9.07 -20.43 17.56
CA ASP A 316 10.04 -21.28 18.25
C ASP A 316 11.40 -21.11 17.58
N HIS A 317 11.67 -19.87 17.16
CA HIS A 317 12.93 -19.51 16.53
C HIS A 317 13.48 -18.30 17.25
N ASP A 318 14.79 -18.16 17.22
CA ASP A 318 15.45 -17.03 17.82
C ASP A 318 15.88 -16.18 16.64
N ILE A 319 15.45 -14.92 16.62
CA ILE A 319 15.80 -14.01 15.53
C ILE A 319 16.91 -13.07 16.01
N PRO A 320 18.13 -13.31 15.54
CA PRO A 320 19.33 -12.53 15.89
C PRO A 320 19.32 -11.07 15.47
N ARG A 321 19.88 -10.23 16.32
CA ARG A 321 19.99 -8.80 16.04
C ARG A 321 20.53 -8.68 14.62
N GLY A 322 19.91 -7.82 13.82
CA GLY A 322 20.36 -7.64 12.45
C GLY A 322 19.53 -8.40 11.43
N SER A 323 18.61 -9.23 11.91
CA SER A 323 17.76 -10.01 11.03
C SER A 323 16.70 -9.15 10.33
N ARG A 324 16.26 -9.62 9.16
CA ARG A 324 15.21 -8.93 8.43
C ARG A 324 13.97 -9.77 8.62
N VAL A 325 12.88 -9.14 9.04
CA VAL A 325 11.66 -9.87 9.28
C VAL A 325 10.56 -9.38 8.34
N VAL A 326 9.88 -10.33 7.72
CA VAL A 326 8.82 -10.02 6.79
C VAL A 326 7.48 -10.55 7.27
N ALA A 327 6.54 -9.63 7.49
CA ALA A 327 5.22 -9.99 7.96
C ALA A 327 4.28 -10.12 6.77
N LEU A 328 3.84 -11.34 6.48
CA LEU A 328 2.92 -11.54 5.38
C LEU A 328 1.50 -11.20 5.81
N LEU A 329 1.09 -9.97 5.49
CA LEU A 329 -0.23 -9.49 5.82
C LEU A 329 -1.32 -10.31 5.15
N GLY A 330 -1.06 -10.75 3.92
CA GLY A 330 -2.03 -11.54 3.19
C GLY A 330 -2.22 -12.89 3.84
N SER A 331 -1.14 -13.45 4.37
CA SER A 331 -1.21 -14.74 5.02
C SER A 331 -1.94 -14.62 6.34
N ALA A 332 -1.59 -13.59 7.12
CA ALA A 332 -2.23 -13.38 8.42
C ALA A 332 -3.74 -13.24 8.29
N ASN A 333 -4.16 -12.49 7.27
CA ASN A 333 -5.58 -12.27 7.07
C ASN A 333 -6.36 -13.54 6.73
N ARG A 334 -5.63 -14.60 6.38
CA ARG A 334 -6.26 -15.88 6.05
C ARG A 334 -5.75 -16.97 6.96
N ASP A 335 -5.45 -16.58 8.20
CA ASP A 335 -4.96 -17.50 9.21
C ASP A 335 -6.16 -18.21 9.84
N PRO A 336 -6.26 -19.52 9.63
CA PRO A 336 -7.39 -20.26 10.20
C PRO A 336 -7.44 -20.16 11.72
N ALA A 337 -6.29 -19.95 12.35
CA ALA A 337 -6.25 -19.83 13.81
C ALA A 337 -7.08 -18.64 14.27
N ARG A 338 -7.31 -17.68 13.38
CA ARG A 338 -8.12 -16.53 13.77
C ARG A 338 -9.36 -16.24 12.95
N PHE A 339 -9.39 -16.68 11.69
CA PHE A 339 -10.56 -16.47 10.85
C PHE A 339 -11.05 -17.81 10.32
N PRO A 340 -11.97 -18.47 11.04
CA PRO A 340 -12.50 -19.77 10.61
C PRO A 340 -12.93 -19.68 9.14
N ASP A 341 -12.58 -20.69 8.35
CA ASP A 341 -12.89 -20.73 6.91
C ASP A 341 -12.31 -19.48 6.25
N PRO A 342 -10.99 -19.27 6.39
CA PRO A 342 -10.30 -18.10 5.82
C PRO A 342 -10.51 -17.83 4.34
N ASP A 343 -10.97 -18.84 3.59
CA ASP A 343 -11.16 -18.68 2.15
C ASP A 343 -12.58 -18.33 1.75
N VAL A 344 -13.48 -18.32 2.73
CA VAL A 344 -14.87 -17.98 2.48
C VAL A 344 -15.12 -16.50 2.73
N LEU A 345 -15.73 -15.83 1.75
CA LEU A 345 -16.05 -14.41 1.85
C LEU A 345 -17.26 -14.33 2.78
N ASP A 346 -17.03 -13.93 4.03
CA ASP A 346 -18.09 -13.87 5.03
C ASP A 346 -18.21 -12.47 5.63
N VAL A 347 -19.10 -11.65 5.09
CA VAL A 347 -19.26 -10.29 5.56
C VAL A 347 -19.82 -10.12 6.98
N HIS A 348 -20.23 -11.23 7.60
CA HIS A 348 -20.79 -11.17 8.95
C HIS A 348 -19.80 -11.38 10.09
N ARG A 349 -18.56 -11.73 9.78
CA ARG A 349 -17.60 -11.91 10.86
C ARG A 349 -17.21 -10.57 11.46
N ALA A 350 -16.96 -10.56 12.76
CA ALA A 350 -16.60 -9.34 13.48
C ALA A 350 -15.43 -8.60 12.84
N ALA A 351 -15.49 -7.27 12.88
CA ALA A 351 -14.45 -6.44 12.31
C ALA A 351 -13.38 -6.07 13.31
N GLU A 352 -12.45 -5.23 12.87
CA GLU A 352 -11.34 -4.77 13.68
C GLU A 352 -10.40 -5.90 14.07
N ARG A 353 -10.07 -6.76 13.12
CA ARG A 353 -9.16 -7.84 13.41
C ARG A 353 -8.17 -7.94 12.26
N GLN A 354 -8.65 -7.65 11.06
CA GLN A 354 -7.82 -7.74 9.88
C GLN A 354 -6.67 -6.70 9.90
N VAL A 355 -5.47 -7.16 9.56
CA VAL A 355 -4.30 -6.29 9.56
C VAL A 355 -3.93 -5.69 8.20
N GLY A 356 -4.93 -5.44 7.36
CA GLY A 356 -4.66 -4.89 6.03
C GLY A 356 -4.14 -3.46 6.06
N PHE A 357 -4.31 -2.79 7.19
CA PHE A 357 -3.84 -1.41 7.35
C PHE A 357 -2.62 -1.37 8.23
N GLY A 358 -2.06 -2.54 8.52
CA GLY A 358 -0.88 -2.57 9.35
C GLY A 358 -1.17 -2.68 10.84
N LEU A 359 -0.23 -2.18 11.66
CA LEU A 359 -0.40 -2.25 13.09
C LEU A 359 0.81 -1.67 13.81
N GLY A 360 0.54 -0.98 14.90
CA GLY A 360 1.63 -0.43 15.66
C GLY A 360 1.84 1.02 15.30
N ILE A 361 3.03 1.53 15.61
CA ILE A 361 3.25 2.92 15.33
C ILE A 361 3.19 3.28 13.85
N HIS A 362 3.32 2.31 12.94
CA HIS A 362 3.28 2.68 11.53
C HIS A 362 1.91 2.43 10.90
N TYR A 363 0.93 2.11 11.75
CA TYR A 363 -0.44 1.89 11.28
C TYR A 363 -0.72 2.92 10.17
N CYS A 364 -1.59 2.55 9.23
CA CYS A 364 -1.93 3.42 8.11
C CYS A 364 -2.35 4.84 8.47
N LEU A 365 -1.55 5.82 8.08
CA LEU A 365 -1.83 7.23 8.34
C LEU A 365 -3.20 7.70 7.83
N GLY A 366 -3.59 7.24 6.65
CA GLY A 366 -4.86 7.64 6.10
C GLY A 366 -5.90 6.54 6.07
N ALA A 367 -5.86 5.68 7.08
CA ALA A 367 -6.81 4.57 7.17
C ALA A 367 -8.25 5.06 7.03
N THR A 368 -8.59 6.13 7.75
CA THR A 368 -9.94 6.65 7.69
C THR A 368 -10.27 7.13 6.29
N LEU A 369 -9.38 7.91 5.69
CA LEU A 369 -9.62 8.39 4.34
C LEU A 369 -9.76 7.19 3.40
N ALA A 370 -8.80 6.27 3.47
CA ALA A 370 -8.79 5.06 2.67
C ALA A 370 -10.11 4.32 2.71
N ARG A 371 -10.65 4.16 3.91
CA ARG A 371 -11.88 3.43 4.03
C ARG A 371 -13.05 4.18 3.42
N ALA A 372 -12.94 5.50 3.36
CA ALA A 372 -14.00 6.31 2.78
C ALA A 372 -13.98 6.15 1.27
N GLU A 373 -12.78 6.17 0.70
CA GLU A 373 -12.67 6.04 -0.74
C GLU A 373 -13.13 4.64 -1.19
N ALA A 374 -12.88 3.64 -0.37
CA ALA A 374 -13.27 2.26 -0.68
C ALA A 374 -14.79 2.10 -0.68
N GLU A 375 -15.43 2.52 0.40
CA GLU A 375 -16.89 2.40 0.48
C GLU A 375 -17.52 3.16 -0.68
N ILE A 376 -17.17 4.44 -0.81
CA ILE A 376 -17.71 5.28 -1.88
C ILE A 376 -17.39 4.76 -3.28
N GLY A 377 -16.13 4.44 -3.52
CA GLY A 377 -15.74 3.92 -4.82
C GLY A 377 -16.48 2.65 -5.19
N LEU A 378 -16.61 1.73 -4.25
CA LEU A 378 -17.33 0.50 -4.51
C LEU A 378 -18.78 0.80 -4.87
N ARG A 379 -19.36 1.75 -4.16
N ARG A 379 -19.42 1.72 -4.15
CA ARG A 379 -20.74 2.15 -4.38
CA ARG A 379 -20.81 2.06 -4.46
C ARG A 379 -20.90 2.53 -5.83
C ARG A 379 -20.91 2.49 -5.89
N ALA A 380 -20.18 3.54 -6.23
CA ALA A 380 -20.20 4.07 -7.58
C ALA A 380 -20.13 2.93 -8.59
N LEU A 381 -19.29 1.94 -8.34
CA LEU A 381 -19.17 0.80 -9.24
C LEU A 381 -20.43 -0.02 -9.26
N LEU A 382 -20.93 -0.34 -8.07
CA LEU A 382 -22.14 -1.15 -7.94
C LEU A 382 -23.32 -0.49 -8.64
N ASP A 383 -23.49 0.80 -8.41
CA ASP A 383 -24.59 1.56 -9.01
C ASP A 383 -24.29 2.04 -10.43
N GLY A 384 -23.02 2.35 -10.69
CA GLY A 384 -22.62 2.85 -12.00
C GLY A 384 -22.45 1.85 -13.11
N ILE A 385 -22.11 0.61 -12.77
CA ILE A 385 -21.91 -0.43 -13.78
C ILE A 385 -22.77 -1.65 -13.46
N PRO A 386 -24.02 -1.64 -13.89
CA PRO A 386 -24.92 -2.77 -13.64
C PRO A 386 -24.33 -4.14 -13.99
N ALA A 387 -23.59 -4.20 -15.09
CA ALA A 387 -22.98 -5.45 -15.55
C ALA A 387 -21.65 -5.76 -14.87
N LEU A 388 -21.36 -5.08 -13.76
CA LEU A 388 -20.13 -5.28 -13.03
C LEU A 388 -19.80 -6.73 -12.74
N GLY A 389 -20.82 -7.53 -12.45
CA GLY A 389 -20.59 -8.93 -12.15
C GLY A 389 -20.95 -9.91 -13.25
N ARG A 390 -21.27 -9.40 -14.43
CA ARG A 390 -21.63 -10.26 -15.54
C ARG A 390 -20.50 -10.47 -16.53
N GLY A 391 -20.70 -11.41 -17.45
CA GLY A 391 -19.70 -11.71 -18.46
C GLY A 391 -18.36 -12.08 -17.87
N ALA A 392 -17.31 -11.86 -18.65
CA ALA A 392 -15.97 -12.17 -18.20
C ALA A 392 -15.13 -10.92 -18.31
N HIS A 393 -13.88 -11.04 -17.88
CA HIS A 393 -12.95 -9.94 -17.92
C HIS A 393 -11.59 -10.48 -18.24
N GLU A 394 -10.61 -9.61 -18.23
CA GLU A 394 -9.23 -10.03 -18.46
C GLU A 394 -8.39 -9.16 -17.53
N VAL A 395 -7.61 -9.82 -16.69
CA VAL A 395 -6.80 -9.12 -15.71
C VAL A 395 -5.31 -9.36 -15.86
N GLU A 396 -4.52 -8.36 -15.46
CA GLU A 396 -3.08 -8.48 -15.51
C GLU A 396 -2.55 -8.00 -14.16
N TYR A 397 -1.95 -8.92 -13.41
CA TYR A 397 -1.37 -8.58 -12.11
C TYR A 397 0.03 -8.07 -12.34
N ALA A 398 0.50 -7.23 -11.43
CA ALA A 398 1.83 -6.70 -11.55
C ALA A 398 2.80 -7.62 -10.83
N ASP A 399 4.08 -7.50 -11.18
CA ASP A 399 5.13 -8.30 -10.54
C ASP A 399 5.46 -7.61 -9.23
N ASP A 400 4.48 -7.55 -8.34
CA ASP A 400 4.67 -6.86 -7.08
C ASP A 400 4.00 -7.57 -5.90
N MET A 401 4.81 -8.07 -4.97
CA MET A 401 4.25 -8.76 -3.81
C MET A 401 4.08 -7.83 -2.61
N VAL A 402 4.54 -6.59 -2.73
CA VAL A 402 4.36 -5.62 -1.66
C VAL A 402 3.07 -4.90 -2.05
N PHE A 403 3.15 -4.04 -3.07
CA PHE A 403 1.94 -3.38 -3.56
C PHE A 403 1.34 -4.41 -4.50
N HIS A 404 0.40 -5.18 -3.97
CA HIS A 404 -0.22 -6.27 -4.72
C HIS A 404 -1.56 -5.92 -5.34
N GLY A 405 -1.71 -6.23 -6.63
CA GLY A 405 -2.94 -5.93 -7.33
C GLY A 405 -2.78 -5.78 -8.82
N PRO A 406 -3.89 -5.76 -9.57
CA PRO A 406 -3.93 -5.63 -11.03
C PRO A 406 -3.30 -4.36 -11.56
N THR A 407 -2.65 -4.46 -12.71
CA THR A 407 -2.07 -3.29 -13.38
C THR A 407 -3.20 -2.77 -14.24
N ARG A 408 -4.04 -3.68 -14.72
CA ARG A 408 -5.19 -3.31 -15.54
C ARG A 408 -6.28 -4.37 -15.43
N LEU A 409 -7.54 -3.94 -15.44
CA LEU A 409 -8.67 -4.86 -15.31
C LEU A 409 -9.76 -4.47 -16.30
N LEU A 410 -9.87 -5.24 -17.39
CA LEU A 410 -10.87 -4.94 -18.41
C LEU A 410 -12.21 -5.64 -18.24
N LEU A 411 -13.27 -4.87 -18.43
CA LEU A 411 -14.63 -5.37 -18.31
C LEU A 411 -15.34 -5.09 -19.64
N ASP A 412 -16.60 -5.52 -19.81
CA ASP A 412 -17.22 -5.27 -21.11
C ASP A 412 -18.63 -4.71 -21.35
N LEU A 413 -18.56 -3.70 -22.20
CA LEU A 413 -19.51 -2.77 -22.83
C LEU A 413 -20.93 -3.07 -23.39
N PRO A 414 -21.84 -2.08 -23.27
CA PRO A 414 -23.25 -1.99 -23.72
C PRO A 414 -23.44 -0.67 -24.49
#